data_4LI2
#
_entry.id   4LI2
#
_cell.length_a   103.379
_cell.length_b   160.923
_cell.length_c   82.216
_cell.angle_alpha   90.000
_cell.angle_beta   90.000
_cell.angle_gamma   90.000
#
_symmetry.space_group_name_H-M   'C 2 2 21'
#
loop_
_entity.id
_entity.type
_entity.pdbx_description
1 polymer 'Leucine-rich repeat-containing G-protein coupled receptor 4'
2 polymer R-spondin-1
#
loop_
_entity_poly.entity_id
_entity_poly.type
_entity_poly.pdbx_seq_one_letter_code
_entity_poly.pdbx_strand_id
1 'polypeptide(L)'
;SGVSSPAPCPAPCACDLDGGADCSGKGLVTVPDGLSVFTHSLDLSMNNITKLPEGAFKGFPYLEELRLAGNDLSIIHPMA
LSGLKELKVLTLQNNQLKTVPSESLKGLVSLQSLRLDANHIVTVPEDSFEGLVQLRHLWLDDNSLTEVPIRPLSNLPSLQ
ALTLALNKISHIPDYAFSNLSSLVVLHLHNNKIRTLGPHSFHGLDNLEALDLNYNNLIDFPDSIRSLPNLKELGFHSNSI
TIIPDGAFVKNPLLRTIHLYDNPLSFVGNSAFQNLSDLHFLIIRGASNVQWFPNLTGTNNLESLTLTGTKIRSIPIKFCQ
EQKMLRTLDLSYNEISALVGFEGCSSLEEVYLQNNQIQEVQNETFQGLAALRMLDLSRNRIHTIHKEAFVTLKALTNLDL
SFNDLTAFPTAGLHGLNQLKLTGNPNFKETLT
;
A
2 'polypeptide(L)'
;SAEGSQACAKGCELCSEVNGCLKCSPKLFILLERNDIRQVGVCLPSCPPGYFDARNPDMNKCIKCKIEHCEACFSHNFCT
KCKEGLYLHKGRCYPACPEGSSAANGTMECSS
;
B
#
# COMPACT_ATOMS: atom_id res chain seq x y z
N PRO A 8 15.31 -26.27 29.95
CA PRO A 8 14.57 -25.12 29.42
C PRO A 8 14.87 -24.92 27.93
N CYS A 9 16.15 -24.97 27.59
CA CYS A 9 16.58 -24.69 26.23
C CYS A 9 16.89 -25.95 25.45
N PRO A 10 16.05 -26.29 24.46
CA PRO A 10 16.45 -27.37 23.57
C PRO A 10 17.64 -26.88 22.74
N ALA A 11 18.55 -27.78 22.37
CA ALA A 11 19.87 -27.40 21.87
C ALA A 11 19.91 -26.48 20.66
N PRO A 12 19.32 -26.90 19.52
CA PRO A 12 19.45 -26.01 18.35
C PRO A 12 18.79 -24.67 18.62
N CYS A 13 17.56 -24.72 19.14
CA CYS A 13 16.74 -23.54 19.35
C CYS A 13 17.47 -22.51 20.20
N ALA A 14 17.20 -21.25 19.92
CA ALA A 14 17.74 -20.21 20.76
C ALA A 14 16.65 -19.82 21.72
N CYS A 15 16.75 -20.32 22.95
CA CYS A 15 15.77 -20.07 23.97
C CYS A 15 16.02 -18.65 24.43
N ASP A 16 14.96 -17.86 24.56
CA ASP A 16 15.18 -16.45 24.89
C ASP A 16 14.10 -15.85 25.76
N LEU A 17 14.32 -14.60 26.12
CA LEU A 17 13.31 -13.77 26.78
C LEU A 17 12.60 -14.46 27.93
N ASP A 18 11.27 -14.50 27.81
CA ASP A 18 10.44 -15.27 28.73
C ASP A 18 9.76 -16.45 28.00
N GLY A 19 8.71 -16.17 27.26
CA GLY A 19 8.00 -17.19 26.51
C GLY A 19 8.64 -17.60 25.20
N GLY A 20 8.99 -16.60 24.40
CA GLY A 20 9.39 -16.81 23.02
C GLY A 20 10.53 -17.79 22.80
N ALA A 21 10.46 -18.53 21.70
CA ALA A 21 11.57 -19.38 21.30
C ALA A 21 11.87 -19.20 19.82
N ASP A 22 13.15 -19.31 19.45
CA ASP A 22 13.58 -19.13 18.08
C ASP A 22 14.43 -20.33 17.67
N CYS A 23 13.92 -21.17 16.77
CA CYS A 23 14.67 -22.30 16.24
C CYS A 23 15.26 -22.03 14.86
N SER A 24 14.92 -20.89 14.31
CA SER A 24 15.18 -20.63 12.90
C SER A 24 16.64 -20.43 12.55
N GLY A 25 16.99 -20.70 11.28
CA GLY A 25 18.11 -20.03 10.64
C GLY A 25 19.48 -20.05 11.30
N LYS A 26 20.04 -21.24 11.54
CA LYS A 26 19.48 -22.49 11.04
C LYS A 26 19.38 -23.49 12.19
N GLY A 27 18.91 -24.70 11.92
CA GLY A 27 18.02 -25.05 10.83
C GLY A 27 17.86 -26.53 11.06
N LEU A 28 16.71 -27.09 10.70
CA LEU A 28 16.36 -28.41 11.19
C LEU A 28 15.29 -29.12 10.38
N VAL A 29 15.11 -30.42 10.65
CA VAL A 29 13.92 -31.15 10.23
C VAL A 29 13.11 -31.59 11.48
N THR A 30 11.80 -31.80 11.29
CA THR A 30 10.84 -32.06 12.38
C THR A 30 10.90 -31.06 13.56
N VAL A 31 10.64 -31.51 14.78
CA VAL A 31 10.52 -30.59 15.92
C VAL A 31 11.74 -30.62 16.86
N PRO A 32 11.78 -29.71 17.86
CA PRO A 32 12.90 -29.83 18.81
C PRO A 32 12.67 -30.89 19.88
N ASP A 33 13.79 -31.41 20.39
CA ASP A 33 13.80 -32.42 21.43
C ASP A 33 13.12 -31.90 22.70
N GLY A 34 13.69 -30.82 23.25
CA GLY A 34 13.21 -30.26 24.50
C GLY A 34 11.83 -29.66 24.36
N LEU A 35 10.90 -30.15 25.15
CA LEU A 35 9.57 -29.56 25.20
C LEU A 35 9.48 -28.66 26.42
N SER A 36 9.48 -27.34 26.17
CA SER A 36 9.24 -26.38 27.23
C SER A 36 7.75 -26.21 27.22
N VAL A 37 7.09 -26.75 28.23
CA VAL A 37 5.64 -26.90 28.24
C VAL A 37 4.97 -25.58 28.63
N PHE A 38 5.73 -24.70 29.26
CA PHE A 38 5.22 -23.40 29.68
C PHE A 38 5.52 -22.32 28.62
N THR A 39 6.12 -22.74 27.50
CA THR A 39 6.48 -21.82 26.40
C THR A 39 5.29 -21.33 25.55
N HIS A 40 5.40 -20.10 25.07
CA HIS A 40 4.51 -19.57 24.05
C HIS A 40 5.32 -18.72 23.06
N SER A 41 4.72 -18.40 21.91
CA SER A 41 5.43 -17.69 20.84
C SER A 41 6.66 -18.44 20.30
N LEU A 42 6.41 -19.53 19.58
CA LEU A 42 7.45 -20.32 18.94
C LEU A 42 7.75 -19.84 17.51
N ASP A 43 9.02 -19.61 17.19
CA ASP A 43 9.43 -19.39 15.79
C ASP A 43 10.14 -20.63 15.25
N LEU A 44 9.45 -21.40 14.42
CA LEU A 44 10.02 -22.56 13.75
C LEU A 44 10.43 -22.29 12.30
N SER A 45 10.39 -21.03 11.90
CA SER A 45 10.55 -20.72 10.49
C SER A 45 11.98 -20.98 9.96
N MET A 46 12.15 -20.84 8.64
CA MET A 46 13.44 -21.01 7.94
C MET A 46 14.20 -22.33 8.10
N ASN A 47 13.55 -23.46 7.83
CA ASN A 47 14.19 -24.77 7.93
C ASN A 47 13.79 -25.68 6.79
N ASN A 48 14.45 -26.83 6.66
CA ASN A 48 13.92 -27.86 5.79
C ASN A 48 13.04 -28.75 6.64
N ILE A 49 11.73 -28.60 6.49
CA ILE A 49 10.78 -29.46 7.18
C ILE A 49 9.84 -29.99 6.12
N THR A 50 9.92 -31.29 5.88
CA THR A 50 9.22 -31.91 4.77
C THR A 50 7.72 -31.93 5.07
N LYS A 51 7.34 -32.71 6.08
CA LYS A 51 5.93 -32.81 6.51
C LYS A 51 5.77 -32.57 8.02
N LEU A 52 4.53 -32.32 8.45
CA LEU A 52 4.25 -32.20 9.89
C LEU A 52 3.45 -33.39 10.43
N PRO A 53 4.05 -34.10 11.41
CA PRO A 53 3.41 -35.25 12.05
C PRO A 53 2.36 -34.76 13.03
N GLU A 54 1.33 -35.55 13.26
CA GLU A 54 0.33 -35.19 14.26
C GLU A 54 0.95 -35.26 15.65
N GLY A 55 0.46 -34.42 16.55
CA GLY A 55 0.88 -34.49 17.94
C GLY A 55 2.18 -33.77 18.22
N ALA A 56 2.91 -33.39 17.18
CA ALA A 56 4.16 -32.64 17.38
C ALA A 56 3.87 -31.32 18.11
N PHE A 57 2.68 -30.78 17.85
CA PHE A 57 2.20 -29.58 18.53
C PHE A 57 1.25 -29.85 19.70
N LYS A 58 0.94 -31.12 19.95
CA LYS A 58 0.13 -31.50 21.10
C LYS A 58 0.92 -31.27 22.38
N GLY A 59 2.20 -31.64 22.32
CA GLY A 59 3.10 -31.48 23.45
C GLY A 59 3.29 -30.04 23.90
N PHE A 60 2.90 -29.09 23.06
CA PHE A 60 3.00 -27.68 23.42
C PHE A 60 1.60 -27.03 23.52
N PRO A 61 1.12 -26.80 24.76
CA PRO A 61 -0.07 -26.02 25.09
C PRO A 61 0.26 -24.56 25.41
N TYR A 62 -0.73 -23.75 25.73
CA TYR A 62 -0.52 -22.34 26.10
C TYR A 62 0.03 -21.49 24.93
N LEU A 63 0.44 -22.13 23.84
CA LEU A 63 1.09 -21.46 22.70
C LEU A 63 0.22 -20.36 22.11
N GLU A 64 0.85 -19.22 21.79
CA GLU A 64 0.11 -18.08 21.23
C GLU A 64 0.38 -17.90 19.73
N GLU A 65 1.62 -17.57 19.39
CA GLU A 65 1.96 -17.38 17.99
C GLU A 65 2.93 -18.44 17.48
N LEU A 66 2.66 -18.95 16.27
CA LEU A 66 3.52 -19.97 15.67
C LEU A 66 3.98 -19.60 14.25
N ARG A 67 5.31 -19.63 14.05
CA ARG A 67 5.84 -19.34 12.73
C ARG A 67 6.39 -20.57 12.01
N LEU A 68 5.62 -21.03 11.01
CA LEU A 68 6.01 -22.14 10.15
C LEU A 68 6.57 -21.70 8.79
N ALA A 69 6.76 -20.40 8.61
CA ALA A 69 7.22 -19.81 7.35
C ALA A 69 8.65 -20.22 6.95
N GLY A 70 9.02 -20.05 5.69
CA GLY A 70 10.39 -20.35 5.28
C GLY A 70 10.70 -21.82 5.06
N ASN A 71 9.82 -22.72 5.48
CA ASN A 71 9.97 -24.16 5.21
C ASN A 71 9.54 -24.56 3.79
N ASP A 72 10.01 -25.71 3.32
CA ASP A 72 9.37 -26.30 2.14
C ASP A 72 8.48 -27.41 2.65
N LEU A 73 7.17 -27.15 2.64
CA LEU A 73 6.19 -28.03 3.26
C LEU A 73 5.17 -28.47 2.20
N SER A 74 5.13 -29.75 1.88
CA SER A 74 4.16 -30.22 0.90
C SER A 74 2.76 -30.39 1.50
N ILE A 75 2.70 -31.04 2.66
CA ILE A 75 1.41 -31.44 3.22
C ILE A 75 1.41 -31.43 4.75
N ILE A 76 0.25 -31.12 5.33
CA ILE A 76 0.10 -31.10 6.79
C ILE A 76 -0.99 -32.08 7.22
N HIS A 77 -0.72 -32.81 8.30
CA HIS A 77 -1.69 -33.71 8.90
C HIS A 77 -2.86 -32.87 9.44
N PRO A 78 -4.09 -33.34 9.23
CA PRO A 78 -5.30 -32.62 9.65
C PRO A 78 -5.34 -32.37 11.17
N MET A 79 -4.85 -33.34 11.93
CA MET A 79 -4.77 -33.22 13.38
C MET A 79 -3.37 -32.82 13.93
N ALA A 80 -2.44 -32.50 13.04
CA ALA A 80 -1.08 -32.11 13.43
C ALA A 80 -1.02 -30.91 14.37
N LEU A 81 -1.99 -30.01 14.24
CA LEU A 81 -2.08 -28.83 15.08
C LEU A 81 -2.83 -29.17 16.37
N SER A 82 -3.30 -30.42 16.46
CA SER A 82 -3.88 -30.99 17.68
C SER A 82 -5.17 -30.32 18.13
N GLY A 83 -5.53 -29.20 17.49
CA GLY A 83 -6.67 -28.43 17.92
C GLY A 83 -6.38 -27.59 19.15
N LEU A 84 -5.11 -27.26 19.36
CA LEU A 84 -4.69 -26.44 20.52
C LEU A 84 -5.36 -25.06 20.46
N LYS A 85 -6.11 -24.74 21.52
CA LYS A 85 -7.13 -23.70 21.44
C LYS A 85 -6.57 -22.30 21.66
N GLU A 86 -5.32 -22.22 22.02
CA GLU A 86 -4.75 -20.94 22.40
C GLU A 86 -3.97 -20.23 21.29
N LEU A 87 -3.87 -20.87 20.11
CA LEU A 87 -3.02 -20.31 19.05
C LEU A 87 -3.64 -19.04 18.48
N LYS A 88 -2.90 -17.94 18.63
CA LYS A 88 -3.34 -16.61 18.24
C LYS A 88 -3.15 -16.30 16.76
N VAL A 89 -1.98 -16.70 16.23
CA VAL A 89 -1.63 -16.44 14.84
C VAL A 89 -0.69 -17.52 14.27
N LEU A 90 -0.88 -17.83 12.99
CA LEU A 90 -0.13 -18.89 12.34
C LEU A 90 0.45 -18.45 10.99
N THR A 91 1.77 -18.47 10.88
CA THR A 91 2.37 -18.08 9.60
C THR A 91 2.96 -19.26 8.85
N LEU A 92 2.26 -19.63 7.78
CA LEU A 92 2.61 -20.70 6.85
C LEU A 92 3.30 -20.27 5.51
N GLN A 93 3.59 -18.98 5.37
CA GLN A 93 4.04 -18.42 4.09
C GLN A 93 5.35 -19.01 3.56
N ASN A 94 5.55 -18.92 2.24
CA ASN A 94 6.77 -19.41 1.60
C ASN A 94 6.96 -20.93 1.80
N ASN A 95 5.93 -21.70 1.48
CA ASN A 95 5.96 -23.16 1.61
C ASN A 95 5.32 -23.78 0.38
N GLN A 96 5.47 -25.09 0.22
CA GLN A 96 5.06 -25.76 -1.02
C GLN A 96 3.61 -26.25 -1.02
N LEU A 97 2.86 -25.81 -0.01
CA LEU A 97 1.47 -26.21 0.15
C LEU A 97 0.69 -25.97 -1.13
N LYS A 98 0.10 -27.05 -1.65
CA LYS A 98 -0.58 -27.03 -2.92
C LYS A 98 -2.06 -26.71 -2.74
N THR A 99 -2.50 -26.67 -1.49
CA THR A 99 -3.91 -26.38 -1.15
C THR A 99 -4.09 -25.81 0.25
N VAL A 100 -5.24 -25.20 0.50
CA VAL A 100 -5.59 -24.75 1.84
C VAL A 100 -5.82 -25.94 2.78
N PRO A 101 -4.99 -26.05 3.84
CA PRO A 101 -5.14 -27.17 4.78
C PRO A 101 -6.32 -26.93 5.71
N SER A 102 -7.53 -26.92 5.15
CA SER A 102 -8.75 -26.62 5.89
C SER A 102 -8.98 -27.57 7.07
N GLU A 103 -8.51 -28.82 6.92
CA GLU A 103 -8.64 -29.83 7.98
C GLU A 103 -7.62 -29.59 9.09
N SER A 104 -6.44 -29.12 8.72
CA SER A 104 -5.43 -28.78 9.71
C SER A 104 -5.81 -27.54 10.50
N LEU A 105 -6.61 -26.66 9.92
CA LEU A 105 -6.96 -25.37 10.54
C LEU A 105 -8.20 -25.41 11.40
N LYS A 106 -8.84 -26.57 11.51
CA LYS A 106 -10.06 -26.67 12.28
C LYS A 106 -9.74 -26.83 13.77
N GLY A 107 -10.43 -26.07 14.60
CA GLY A 107 -10.25 -26.20 16.03
C GLY A 107 -9.38 -25.12 16.62
N LEU A 108 -9.04 -24.12 15.80
CA LEU A 108 -8.32 -22.97 16.34
C LEU A 108 -9.32 -21.84 16.42
N VAL A 109 -9.80 -21.57 17.63
CA VAL A 109 -10.82 -20.56 17.83
C VAL A 109 -10.14 -19.25 18.21
N SER A 110 -8.86 -19.33 18.55
CA SER A 110 -8.12 -18.16 19.02
C SER A 110 -7.32 -17.50 17.90
N LEU A 111 -7.40 -18.06 16.70
CA LEU A 111 -6.55 -17.57 15.62
C LEU A 111 -7.02 -16.19 15.17
N GLN A 112 -6.17 -15.19 15.34
CA GLN A 112 -6.45 -13.85 14.83
C GLN A 112 -5.79 -13.51 13.47
N SER A 113 -4.73 -14.23 13.09
CA SER A 113 -4.02 -13.91 11.85
C SER A 113 -3.43 -15.13 11.12
N LEU A 114 -3.64 -15.21 9.81
CA LEU A 114 -3.17 -16.35 9.03
C LEU A 114 -2.29 -15.91 7.85
N ARG A 115 -1.11 -16.52 7.71
CA ARG A 115 -0.29 -16.25 6.55
C ARG A 115 -0.20 -17.48 5.67
N LEU A 116 -0.94 -17.47 4.57
CA LEU A 116 -0.83 -18.52 3.58
C LEU A 116 -0.06 -18.10 2.31
N ASP A 117 0.37 -16.84 2.27
CA ASP A 117 0.93 -16.26 1.05
C ASP A 117 2.24 -16.92 0.68
N ALA A 118 2.64 -16.78 -0.60
CA ALA A 118 3.90 -17.33 -1.13
C ALA A 118 3.92 -18.85 -1.28
N ASN A 119 2.82 -19.49 -0.88
CA ASN A 119 2.58 -20.88 -1.20
C ASN A 119 2.17 -20.97 -2.64
N HIS A 120 2.23 -22.16 -3.22
CA HIS A 120 1.58 -22.32 -4.50
C HIS A 120 0.27 -23.05 -4.29
N ILE A 121 -0.81 -22.29 -4.32
CA ILE A 121 -2.10 -22.81 -3.92
C ILE A 121 -3.08 -22.51 -5.01
N VAL A 122 -3.85 -23.54 -5.38
CA VAL A 122 -4.80 -23.47 -6.46
C VAL A 122 -6.21 -23.73 -5.93
N THR A 123 -6.40 -24.88 -5.30
CA THR A 123 -7.68 -25.31 -4.71
C THR A 123 -7.96 -24.79 -3.28
N VAL A 124 -9.11 -24.15 -3.07
CA VAL A 124 -9.48 -23.66 -1.74
C VAL A 124 -10.81 -24.24 -1.29
N PRO A 125 -10.76 -25.36 -0.54
CA PRO A 125 -11.92 -26.21 -0.17
C PRO A 125 -13.10 -25.44 0.42
N GLU A 126 -14.34 -25.89 0.19
CA GLU A 126 -15.51 -25.10 0.59
C GLU A 126 -15.69 -25.03 2.10
N ASP A 127 -15.08 -25.96 2.80
CA ASP A 127 -15.18 -26.04 4.25
C ASP A 127 -14.07 -25.24 4.93
N SER A 128 -13.27 -24.54 4.13
CA SER A 128 -12.08 -23.82 4.62
C SER A 128 -12.41 -22.66 5.54
N PHE A 129 -11.52 -22.45 6.51
CA PHE A 129 -11.64 -21.34 7.45
C PHE A 129 -12.92 -21.47 8.29
N GLU A 130 -13.27 -22.70 8.60
CA GLU A 130 -14.44 -22.96 9.42
C GLU A 130 -14.04 -22.94 10.88
N GLY A 131 -14.73 -22.10 11.66
CA GLY A 131 -14.53 -22.05 13.09
C GLY A 131 -13.60 -20.93 13.52
N LEU A 132 -13.02 -20.27 12.51
CA LEU A 132 -11.92 -19.31 12.66
C LEU A 132 -12.47 -17.93 12.92
N VAL A 133 -13.74 -17.87 13.27
CA VAL A 133 -14.49 -16.62 13.42
C VAL A 133 -13.75 -15.53 14.22
N GLN A 134 -12.80 -15.91 15.08
CA GLN A 134 -11.92 -14.91 15.68
C GLN A 134 -10.87 -14.31 14.73
N LEU A 135 -10.85 -14.78 13.49
CA LEU A 135 -9.85 -14.35 12.50
C LEU A 135 -10.02 -12.89 12.11
N ARG A 136 -8.89 -12.24 11.87
CA ARG A 136 -8.83 -10.80 11.68
C ARG A 136 -8.12 -10.41 10.38
N HIS A 137 -6.87 -10.85 10.25
CA HIS A 137 -6.04 -10.59 9.07
C HIS A 137 -5.57 -11.85 8.34
N LEU A 138 -5.97 -11.94 7.06
CA LEU A 138 -5.75 -13.11 6.22
C LEU A 138 -4.89 -12.79 4.98
N TRP A 139 -3.83 -13.59 4.82
CA TRP A 139 -2.93 -13.50 3.67
C TRP A 139 -3.11 -14.61 2.64
N LEU A 140 -3.63 -14.29 1.46
CA LEU A 140 -3.45 -15.18 0.31
C LEU A 140 -2.87 -14.39 -0.86
N ASP A 141 -1.58 -14.57 -1.12
CA ASP A 141 -0.94 -13.85 -2.22
C ASP A 141 0.32 -14.54 -2.74
N ASP A 142 0.62 -14.29 -4.01
CA ASP A 142 1.58 -15.12 -4.76
C ASP A 142 1.13 -16.60 -4.74
N ASN A 143 -0.18 -16.81 -4.71
CA ASN A 143 -0.71 -18.14 -4.91
C ASN A 143 -1.12 -18.34 -6.38
N SER A 144 -1.73 -19.48 -6.70
CA SER A 144 -2.22 -19.75 -8.06
C SER A 144 -3.71 -19.45 -8.25
N LEU A 145 -4.33 -18.88 -7.24
CA LEU A 145 -5.79 -18.75 -7.18
C LEU A 145 -6.38 -18.16 -8.45
N THR A 146 -7.34 -18.88 -9.02
CA THR A 146 -8.09 -18.36 -10.15
C THR A 146 -9.49 -17.86 -9.81
N GLU A 147 -9.91 -18.05 -8.56
CA GLU A 147 -11.18 -17.49 -8.15
C GLU A 147 -11.33 -17.12 -6.69
N VAL A 148 -11.94 -15.96 -6.43
CA VAL A 148 -12.18 -15.48 -5.07
C VAL A 148 -12.91 -16.59 -4.34
N PRO A 149 -12.28 -17.09 -3.27
CA PRO A 149 -12.80 -18.25 -2.54
C PRO A 149 -14.00 -17.82 -1.69
N ILE A 150 -15.17 -17.67 -2.33
CA ILE A 150 -16.34 -17.06 -1.70
C ILE A 150 -16.83 -17.76 -0.44
N ARG A 151 -17.36 -18.97 -0.60
CA ARG A 151 -17.92 -19.71 0.53
C ARG A 151 -16.96 -19.88 1.71
N PRO A 152 -15.71 -20.30 1.48
CA PRO A 152 -14.84 -20.38 2.66
C PRO A 152 -14.53 -19.01 3.25
N LEU A 153 -14.77 -17.96 2.47
CA LEU A 153 -14.52 -16.60 2.96
C LEU A 153 -15.66 -16.13 3.84
N SER A 154 -16.82 -16.75 3.65
CA SER A 154 -18.03 -16.38 4.42
C SER A 154 -18.07 -16.89 5.86
N ASN A 155 -17.12 -17.69 6.28
CA ASN A 155 -17.07 -18.12 7.68
C ASN A 155 -16.28 -17.15 8.55
N LEU A 156 -15.92 -16.00 8.00
CA LEU A 156 -15.02 -15.11 8.71
C LEU A 156 -15.67 -13.75 9.01
N PRO A 157 -16.63 -13.73 9.97
CA PRO A 157 -17.36 -12.50 10.30
C PRO A 157 -16.45 -11.43 10.90
N SER A 158 -15.37 -11.83 11.58
CA SER A 158 -14.57 -10.86 12.30
C SER A 158 -13.38 -10.35 11.51
N LEU A 159 -13.33 -10.70 10.23
CA LEU A 159 -12.15 -10.36 9.43
C LEU A 159 -12.12 -8.90 9.01
N GLN A 160 -11.12 -8.15 9.48
CA GLN A 160 -10.97 -6.79 8.98
C GLN A 160 -9.84 -6.55 7.97
N ALA A 161 -8.94 -7.53 7.79
CA ALA A 161 -7.87 -7.41 6.80
C ALA A 161 -7.82 -8.62 5.90
N LEU A 162 -8.03 -8.41 4.59
CA LEU A 162 -7.93 -9.50 3.60
C LEU A 162 -7.05 -9.12 2.44
N THR A 163 -6.16 -10.04 2.07
CA THR A 163 -5.41 -9.84 0.83
C THR A 163 -5.43 -11.04 -0.14
N LEU A 164 -6.06 -10.81 -1.29
CA LEU A 164 -6.19 -11.76 -2.40
C LEU A 164 -5.16 -11.52 -3.53
N ALA A 165 -4.21 -10.62 -3.30
CA ALA A 165 -3.38 -10.10 -4.41
C ALA A 165 -2.35 -11.10 -5.01
N LEU A 166 -1.67 -10.66 -6.08
CA LEU A 166 -0.67 -11.45 -6.81
C LEU A 166 -1.26 -12.81 -7.12
N ASN A 167 -2.42 -12.83 -7.76
CA ASN A 167 -3.03 -14.10 -8.16
C ASN A 167 -3.57 -14.09 -9.59
N LYS A 168 -4.24 -15.16 -9.99
CA LYS A 168 -4.76 -15.27 -11.34
C LYS A 168 -6.24 -14.86 -11.47
N ILE A 169 -6.80 -14.37 -10.38
CA ILE A 169 -8.20 -14.02 -10.34
C ILE A 169 -8.59 -13.05 -11.46
N SER A 170 -9.47 -13.49 -12.34
CA SER A 170 -9.87 -12.64 -13.46
C SER A 170 -11.23 -11.93 -13.35
N HIS A 171 -12.06 -12.36 -12.41
CA HIS A 171 -13.42 -11.82 -12.30
C HIS A 171 -13.93 -11.93 -10.90
N ILE A 172 -14.58 -10.88 -10.42
CA ILE A 172 -15.18 -10.94 -9.10
C ILE A 172 -16.67 -10.85 -9.22
N PRO A 173 -17.36 -11.95 -8.92
CA PRO A 173 -18.80 -12.08 -9.03
C PRO A 173 -19.52 -11.13 -8.07
N ASP A 174 -20.79 -10.83 -8.29
CA ASP A 174 -21.50 -10.03 -7.28
C ASP A 174 -21.62 -10.84 -5.99
N TYR A 175 -21.86 -10.13 -4.89
CA TYR A 175 -22.11 -10.71 -3.57
C TYR A 175 -21.01 -11.68 -3.13
N ALA A 176 -19.80 -11.47 -3.66
CA ALA A 176 -18.69 -12.41 -3.44
C ALA A 176 -18.06 -12.18 -2.08
N PHE A 177 -18.06 -10.92 -1.71
CA PHE A 177 -17.65 -10.49 -0.40
C PHE A 177 -18.78 -10.25 0.59
N SER A 178 -20.01 -10.65 0.20
CA SER A 178 -21.24 -10.30 0.91
C SER A 178 -21.24 -10.49 2.42
N ASN A 179 -20.71 -11.60 2.93
CA ASN A 179 -20.77 -11.83 4.37
C ASN A 179 -19.61 -11.30 5.22
N LEU A 180 -18.65 -10.55 4.65
CA LEU A 180 -17.62 -9.96 5.54
C LEU A 180 -17.99 -8.52 5.92
N SER A 181 -18.60 -8.42 7.11
CA SER A 181 -19.24 -7.22 7.59
C SER A 181 -18.25 -6.26 8.25
N SER A 182 -17.16 -6.84 8.75
CA SER A 182 -16.13 -6.09 9.45
C SER A 182 -14.93 -5.71 8.60
N LEU A 183 -14.93 -6.09 7.32
CA LEU A 183 -13.74 -5.88 6.51
C LEU A 183 -13.35 -4.40 6.42
N VAL A 184 -12.05 -4.13 6.43
CA VAL A 184 -11.54 -2.76 6.43
C VAL A 184 -10.62 -2.56 5.23
N VAL A 185 -9.61 -3.43 5.12
CA VAL A 185 -8.72 -3.41 3.95
C VAL A 185 -8.83 -4.66 3.08
N LEU A 186 -8.95 -4.42 1.78
CA LEU A 186 -9.03 -5.46 0.77
C LEU A 186 -8.01 -5.22 -0.32
N HIS A 187 -7.04 -6.12 -0.45
CA HIS A 187 -6.06 -6.04 -1.53
C HIS A 187 -6.31 -7.03 -2.68
N LEU A 188 -6.81 -6.51 -3.80
CA LEU A 188 -7.03 -7.30 -5.01
C LEU A 188 -5.95 -7.13 -6.07
N HIS A 189 -4.90 -6.36 -5.74
CA HIS A 189 -3.91 -5.91 -6.72
C HIS A 189 -3.12 -7.04 -7.42
N ASN A 190 -2.56 -6.74 -8.59
CA ASN A 190 -1.80 -7.73 -9.35
C ASN A 190 -2.58 -9.02 -9.67
N ASN A 191 -3.63 -8.90 -10.47
CA ASN A 191 -4.41 -10.05 -10.93
C ASN A 191 -4.60 -9.93 -12.42
N LYS A 192 -5.47 -10.77 -12.96
CA LYS A 192 -5.93 -10.63 -14.32
C LYS A 192 -7.23 -9.84 -14.45
N ILE A 193 -7.69 -9.20 -13.37
CA ILE A 193 -9.09 -8.75 -13.31
C ILE A 193 -9.60 -7.85 -14.45
N ARG A 194 -10.64 -8.32 -15.14
CA ARG A 194 -11.19 -7.71 -16.35
C ARG A 194 -12.57 -7.10 -16.09
N THR A 195 -13.46 -7.94 -15.57
CA THR A 195 -14.82 -7.53 -15.22
C THR A 195 -15.09 -7.65 -13.71
N LEU A 196 -15.83 -6.69 -13.13
CA LEU A 196 -16.26 -6.73 -11.72
C LEU A 196 -17.77 -6.64 -11.67
N GLY A 197 -18.42 -7.58 -10.98
CA GLY A 197 -19.86 -7.53 -10.79
C GLY A 197 -20.30 -6.27 -10.09
N PRO A 198 -21.41 -5.66 -10.57
CA PRO A 198 -22.00 -4.44 -9.99
C PRO A 198 -22.20 -4.53 -8.48
N HIS A 199 -22.54 -5.72 -7.99
CA HIS A 199 -22.70 -5.94 -6.57
C HIS A 199 -21.54 -6.59 -5.83
N SER A 200 -20.43 -6.79 -6.51
CA SER A 200 -19.28 -7.50 -5.93
C SER A 200 -18.89 -7.03 -4.54
N PHE A 201 -18.93 -5.71 -4.31
CA PHE A 201 -18.51 -5.13 -3.02
C PHE A 201 -19.63 -4.91 -2.02
N HIS A 202 -20.82 -5.34 -2.42
CA HIS A 202 -21.94 -5.43 -1.50
C HIS A 202 -21.50 -6.30 -0.33
N GLY A 203 -21.87 -5.86 0.86
CA GLY A 203 -21.52 -6.52 2.12
C GLY A 203 -20.42 -5.90 2.97
N LEU A 204 -19.50 -5.15 2.36
CA LEU A 204 -18.44 -4.56 3.19
C LEU A 204 -18.76 -3.09 3.43
N ASP A 205 -19.32 -2.81 4.59
CA ASP A 205 -19.78 -1.49 4.87
C ASP A 205 -18.72 -0.89 5.70
N ASN A 206 -17.75 -1.72 6.05
CA ASN A 206 -16.64 -1.25 6.86
C ASN A 206 -15.33 -1.00 6.15
N LEU A 207 -15.31 -1.24 4.86
CA LEU A 207 -14.07 -1.14 4.12
C LEU A 207 -13.70 0.33 4.03
N GLU A 208 -12.51 0.67 4.57
CA GLU A 208 -11.90 1.97 4.34
C GLU A 208 -10.86 1.94 3.22
N ALA A 209 -10.41 0.74 2.86
CA ALA A 209 -9.31 0.59 1.91
C ALA A 209 -9.48 -0.44 0.78
N LEU A 210 -9.54 0.04 -0.46
CA LEU A 210 -9.69 -0.83 -1.64
C LEU A 210 -8.54 -0.72 -2.64
N ASP A 211 -7.81 -1.82 -2.84
CA ASP A 211 -6.74 -1.80 -3.82
C ASP A 211 -7.03 -2.64 -5.06
N LEU A 212 -7.38 -1.96 -6.16
CA LEU A 212 -7.56 -2.61 -7.45
C LEU A 212 -6.38 -2.49 -8.46
N ASN A 213 -5.26 -1.91 -8.03
CA ASN A 213 -4.11 -1.62 -8.90
C ASN A 213 -3.47 -2.81 -9.62
N TYR A 214 -2.91 -2.54 -10.79
CA TYR A 214 -2.21 -3.57 -11.56
C TYR A 214 -3.13 -4.70 -11.99
N ASN A 215 -4.28 -4.32 -12.54
CA ASN A 215 -5.22 -5.30 -13.07
C ASN A 215 -5.58 -5.06 -14.53
N ASN A 216 -6.46 -5.90 -15.05
CA ASN A 216 -6.86 -5.84 -16.45
C ASN A 216 -8.19 -5.10 -16.77
N LEU A 217 -8.73 -4.36 -15.80
CA LEU A 217 -10.05 -3.69 -15.88
C LEU A 217 -10.30 -2.88 -17.14
N ILE A 218 -11.53 -2.92 -17.65
CA ILE A 218 -11.94 -2.09 -18.79
C ILE A 218 -12.76 -0.90 -18.33
N ASP A 219 -13.87 -1.18 -17.65
CA ASP A 219 -14.74 -0.11 -17.19
C ASP A 219 -14.54 0.23 -15.71
N PHE A 220 -14.79 1.51 -15.42
CA PHE A 220 -14.70 2.05 -14.07
C PHE A 220 -15.51 1.20 -13.10
N PRO A 221 -14.88 0.80 -11.98
CA PRO A 221 -15.46 -0.12 -11.00
C PRO A 221 -16.58 0.50 -10.15
N ASP A 222 -17.78 0.62 -10.72
CA ASP A 222 -18.91 1.21 -10.01
C ASP A 222 -19.32 0.39 -8.82
N SER A 223 -18.72 -0.78 -8.68
CA SER A 223 -18.98 -1.66 -7.56
C SER A 223 -18.70 -0.99 -6.22
N ILE A 224 -17.97 0.13 -6.28
CA ILE A 224 -17.57 0.85 -5.08
C ILE A 224 -18.68 1.77 -4.64
N ARG A 225 -19.82 1.70 -5.31
CA ARG A 225 -20.97 2.52 -4.94
C ARG A 225 -21.54 1.98 -3.64
N SER A 226 -21.21 0.73 -3.35
CA SER A 226 -21.70 0.07 -2.15
C SER A 226 -20.75 0.28 -0.97
N LEU A 227 -19.70 1.08 -1.16
CA LEU A 227 -18.74 1.31 -0.08
C LEU A 227 -18.90 2.69 0.52
N PRO A 228 -19.60 2.76 1.66
CA PRO A 228 -19.91 3.97 2.42
C PRO A 228 -18.73 4.57 3.20
N ASN A 229 -17.88 3.71 3.76
CA ASN A 229 -16.74 4.13 4.58
C ASN A 229 -15.40 4.23 3.85
N LEU A 230 -15.42 4.08 2.52
CA LEU A 230 -14.20 4.05 1.71
C LEU A 230 -13.33 5.32 1.81
N LYS A 231 -12.04 5.13 2.07
CA LYS A 231 -11.11 6.24 2.27
C LYS A 231 -9.90 6.20 1.33
N GLU A 232 -9.10 5.13 1.45
CA GLU A 232 -8.00 4.84 0.53
C GLU A 232 -8.52 4.05 -0.68
N LEU A 233 -8.33 4.59 -1.89
CA LEU A 233 -8.79 3.88 -3.10
C LEU A 233 -7.81 3.92 -4.26
N GLY A 234 -7.57 2.75 -4.85
CA GLY A 234 -6.84 2.77 -6.10
C GLY A 234 -7.29 1.73 -7.09
N PHE A 235 -7.17 2.13 -8.35
CA PHE A 235 -7.21 1.18 -9.41
C PHE A 235 -6.24 1.67 -10.46
N HIS A 236 -5.06 1.07 -10.61
CA HIS A 236 -4.16 1.69 -11.57
C HIS A 236 -3.43 0.65 -12.38
N SER A 237 -2.84 1.14 -13.47
CA SER A 237 -2.28 0.26 -14.46
C SER A 237 -3.43 -0.64 -15.01
N ASN A 238 -4.64 -0.09 -15.02
CA ASN A 238 -5.77 -0.74 -15.66
C ASN A 238 -5.98 -0.18 -17.06
N SER A 239 -6.99 -0.72 -17.73
CA SER A 239 -7.42 -0.25 -19.05
C SER A 239 -8.61 0.71 -19.05
N ILE A 240 -8.98 1.24 -17.89
CA ILE A 240 -10.12 2.15 -17.80
C ILE A 240 -9.97 3.38 -18.68
N THR A 241 -10.95 3.61 -19.55
CA THR A 241 -10.91 4.76 -20.44
C THR A 241 -11.73 5.92 -19.93
N ILE A 242 -12.48 5.70 -18.85
CA ILE A 242 -13.49 6.68 -18.50
C ILE A 242 -13.76 6.80 -17.00
N ILE A 243 -13.81 8.03 -16.50
CA ILE A 243 -14.24 8.33 -15.13
C ILE A 243 -15.53 9.10 -15.20
N PRO A 244 -16.65 8.46 -14.81
CA PRO A 244 -18.01 8.96 -15.05
C PRO A 244 -18.48 10.01 -14.04
N ASP A 245 -19.64 10.62 -14.27
CA ASP A 245 -20.19 11.61 -13.32
C ASP A 245 -20.67 10.88 -12.10
N GLY A 246 -20.58 11.54 -10.95
CA GLY A 246 -20.98 10.95 -9.69
C GLY A 246 -20.37 9.58 -9.52
N ALA A 247 -19.09 9.48 -9.86
CA ALA A 247 -18.35 8.24 -9.73
C ALA A 247 -18.20 7.92 -8.25
N PHE A 248 -17.81 8.92 -7.47
CA PHE A 248 -17.52 8.75 -6.05
C PHE A 248 -18.64 9.22 -5.13
N VAL A 249 -19.75 9.64 -5.72
CA VAL A 249 -20.82 10.35 -5.00
C VAL A 249 -21.26 9.59 -3.74
N LYS A 250 -21.12 8.27 -3.78
CA LYS A 250 -21.43 7.44 -2.62
C LYS A 250 -20.25 7.29 -1.68
N ASN A 251 -19.15 7.99 -1.97
CA ASN A 251 -17.92 7.79 -1.20
C ASN A 251 -17.35 9.10 -0.68
N PRO A 252 -18.09 9.83 0.14
CA PRO A 252 -17.60 11.17 0.49
C PRO A 252 -16.34 11.16 1.40
N LEU A 253 -16.04 10.00 1.98
CA LEU A 253 -14.91 9.85 2.90
C LEU A 253 -13.56 9.50 2.26
N LEU A 254 -13.49 9.56 0.94
CA LEU A 254 -12.26 9.25 0.26
C LEU A 254 -11.24 10.35 0.56
N ARG A 255 -10.13 9.97 1.18
CA ARG A 255 -9.01 10.89 1.29
C ARG A 255 -7.85 10.60 0.31
N THR A 256 -7.91 9.46 -0.40
CA THR A 256 -6.80 9.05 -1.29
C THR A 256 -7.29 8.39 -2.58
N ILE A 257 -6.90 8.93 -3.74
CA ILE A 257 -7.25 8.25 -5.00
C ILE A 257 -6.10 8.12 -6.01
N HIS A 258 -5.60 6.89 -6.23
CA HIS A 258 -4.64 6.68 -7.33
C HIS A 258 -5.28 6.01 -8.53
N LEU A 259 -5.56 6.81 -9.56
CA LEU A 259 -6.07 6.36 -10.85
C LEU A 259 -5.02 6.35 -11.99
N TYR A 260 -3.76 6.64 -11.64
CA TYR A 260 -2.74 6.88 -12.67
C TYR A 260 -2.45 5.67 -13.58
N ASP A 261 -1.83 5.92 -14.71
CA ASP A 261 -1.54 4.87 -15.68
C ASP A 261 -2.81 4.23 -16.20
N ASN A 262 -3.82 5.04 -16.49
CA ASN A 262 -5.00 4.50 -17.16
C ASN A 262 -5.27 5.29 -18.40
N PRO A 263 -5.57 4.59 -19.50
CA PRO A 263 -5.77 5.27 -20.78
C PRO A 263 -7.01 6.12 -20.73
N LEU A 264 -7.02 7.15 -19.88
CA LEU A 264 -8.20 7.98 -19.74
C LEU A 264 -8.52 8.73 -21.02
N SER A 265 -9.83 8.86 -21.25
CA SER A 265 -10.36 9.58 -22.40
C SER A 265 -11.27 10.71 -21.94
N PHE A 266 -12.47 10.39 -21.47
CA PHE A 266 -13.33 11.44 -20.95
C PHE A 266 -13.40 11.39 -19.44
N VAL A 267 -13.41 12.58 -18.82
CA VAL A 267 -13.57 12.66 -17.38
C VAL A 267 -14.81 13.48 -16.98
N GLY A 268 -15.63 12.90 -16.11
CA GLY A 268 -16.93 13.44 -15.78
C GLY A 268 -16.85 14.72 -14.99
N ASN A 269 -17.51 15.77 -15.49
CA ASN A 269 -17.50 17.07 -14.84
C ASN A 269 -17.89 16.96 -13.37
N SER A 270 -18.90 16.15 -13.12
CA SER A 270 -19.46 16.02 -11.79
C SER A 270 -18.69 14.99 -10.97
N ALA A 271 -17.61 14.46 -11.53
CA ALA A 271 -16.90 13.35 -10.91
C ALA A 271 -16.09 13.73 -9.69
N PHE A 272 -15.30 14.80 -9.78
CA PHE A 272 -14.49 15.18 -8.63
C PHE A 272 -15.10 16.32 -7.79
N GLN A 273 -16.32 16.72 -8.15
CA GLN A 273 -16.99 17.79 -7.43
C GLN A 273 -17.36 17.38 -6.00
N ASN A 274 -17.46 18.38 -5.13
CA ASN A 274 -17.93 18.19 -3.75
C ASN A 274 -17.30 17.05 -2.93
N LEU A 275 -16.01 16.76 -3.13
CA LEU A 275 -15.40 15.67 -2.39
C LEU A 275 -15.05 16.04 -0.96
N SER A 276 -14.33 17.14 -0.78
CA SER A 276 -14.12 17.77 0.53
C SER A 276 -13.24 17.00 1.51
N ASP A 277 -13.13 15.68 1.36
CA ASP A 277 -12.23 14.93 2.21
C ASP A 277 -10.94 14.59 1.47
N LEU A 278 -10.92 14.92 0.18
CA LEU A 278 -9.91 14.39 -0.71
C LEU A 278 -8.59 15.04 -0.38
N HIS A 279 -7.53 14.27 -0.28
CA HIS A 279 -6.25 14.84 0.11
C HIS A 279 -5.23 14.66 -1.00
N PHE A 280 -5.01 13.41 -1.36
CA PHE A 280 -4.05 13.06 -2.39
C PHE A 280 -4.75 12.50 -3.62
N LEU A 281 -4.53 13.12 -4.77
CA LEU A 281 -5.13 12.69 -6.02
C LEU A 281 -4.09 12.46 -7.10
N ILE A 282 -3.88 11.23 -7.54
CA ILE A 282 -2.89 10.99 -8.62
C ILE A 282 -3.40 10.54 -10.00
N ILE A 283 -3.19 11.40 -10.98
CA ILE A 283 -3.49 11.09 -12.37
C ILE A 283 -2.20 11.20 -13.22
N ARG A 284 -1.95 10.16 -14.02
CA ARG A 284 -0.81 10.12 -14.91
C ARG A 284 -1.15 9.30 -16.13
N GLY A 285 -0.60 9.66 -17.28
CA GLY A 285 -0.73 8.84 -18.46
C GLY A 285 -2.13 8.87 -19.03
N ALA A 286 -2.82 9.98 -18.88
CA ALA A 286 -4.11 10.06 -19.52
C ALA A 286 -3.93 10.94 -20.74
N SER A 287 -3.73 10.33 -21.91
CA SER A 287 -3.22 11.12 -23.03
C SER A 287 -4.29 11.95 -23.72
N ASN A 288 -5.55 11.52 -23.60
CA ASN A 288 -6.63 12.17 -24.34
C ASN A 288 -7.51 13.17 -23.59
N VAL A 289 -7.18 13.49 -22.34
CA VAL A 289 -8.05 14.39 -21.57
C VAL A 289 -7.74 15.86 -21.83
N GLN A 290 -8.71 16.58 -22.39
CA GLN A 290 -8.42 17.94 -22.83
C GLN A 290 -8.70 19.03 -21.83
N TRP A 291 -9.47 18.71 -20.78
CA TRP A 291 -9.94 19.75 -19.86
C TRP A 291 -9.62 19.43 -18.43
N PHE A 292 -9.02 20.41 -17.76
CA PHE A 292 -8.73 20.34 -16.35
C PHE A 292 -10.03 20.08 -15.57
N PRO A 293 -10.05 19.01 -14.75
CA PRO A 293 -11.27 18.54 -14.08
C PRO A 293 -11.90 19.63 -13.24
N ASN A 294 -13.20 19.49 -13.02
CA ASN A 294 -13.88 20.45 -12.19
C ASN A 294 -13.84 19.95 -10.75
N LEU A 295 -13.07 20.65 -9.94
CA LEU A 295 -12.86 20.28 -8.55
C LEU A 295 -13.76 21.08 -7.64
N THR A 296 -14.65 21.87 -8.25
CA THR A 296 -15.49 22.74 -7.48
C THR A 296 -16.22 21.91 -6.43
N GLY A 297 -16.20 22.37 -5.21
CA GLY A 297 -16.65 21.58 -4.07
C GLY A 297 -15.52 20.87 -3.36
N THR A 298 -14.42 20.61 -4.06
CA THR A 298 -13.27 20.02 -3.40
C THR A 298 -12.26 21.13 -3.12
N ASN A 299 -12.26 21.63 -1.89
CA ASN A 299 -11.43 22.78 -1.54
C ASN A 299 -10.19 22.43 -0.75
N ASN A 300 -10.04 21.18 -0.35
CA ASN A 300 -8.93 20.81 0.50
C ASN A 300 -8.16 19.74 -0.18
N LEU A 301 -6.94 20.02 -0.60
CA LEU A 301 -6.13 18.98 -1.22
C LEU A 301 -4.72 19.21 -0.79
N GLU A 302 -4.05 18.18 -0.29
CA GLU A 302 -2.64 18.34 0.05
C GLU A 302 -1.84 18.17 -1.21
N SER A 303 -2.19 17.17 -2.00
CA SER A 303 -1.34 16.81 -3.12
C SER A 303 -2.15 16.47 -4.35
N LEU A 304 -1.80 17.10 -5.47
CA LEU A 304 -2.50 16.89 -6.73
C LEU A 304 -1.52 16.54 -7.86
N THR A 305 -1.86 15.56 -8.69
CA THR A 305 -1.04 15.23 -9.87
C THR A 305 -1.82 15.06 -11.17
N LEU A 306 -1.52 15.89 -12.17
CA LEU A 306 -2.02 15.68 -13.53
C LEU A 306 -0.87 15.52 -14.52
N THR A 307 -0.61 14.30 -14.98
CA THR A 307 0.50 14.16 -15.91
C THR A 307 0.11 13.42 -17.21
N GLY A 308 0.88 13.68 -18.26
CA GLY A 308 0.63 13.11 -19.57
C GLY A 308 -0.62 13.56 -20.27
N THR A 309 -1.25 14.65 -19.84
CA THR A 309 -2.49 15.04 -20.54
C THR A 309 -2.27 16.03 -21.68
N LYS A 310 -3.35 16.36 -22.37
CA LYS A 310 -3.35 17.40 -23.40
C LYS A 310 -3.87 18.72 -22.86
N ILE A 311 -4.11 18.79 -21.55
CA ILE A 311 -4.66 20.01 -20.95
C ILE A 311 -3.78 21.20 -21.29
N ARG A 312 -4.35 22.22 -21.94
CA ARG A 312 -3.53 23.35 -22.36
C ARG A 312 -3.67 24.54 -21.44
N SER A 313 -4.54 24.45 -20.44
CA SER A 313 -4.73 25.59 -19.58
C SER A 313 -5.20 25.24 -18.19
N ILE A 314 -5.27 26.24 -17.33
CA ILE A 314 -5.59 26.00 -15.94
C ILE A 314 -6.63 27.01 -15.49
N PRO A 315 -7.62 26.55 -14.71
CA PRO A 315 -8.70 27.40 -14.22
C PRO A 315 -8.20 28.66 -13.51
N ILE A 316 -8.71 29.82 -13.95
CA ILE A 316 -8.33 31.12 -13.39
C ILE A 316 -8.54 31.13 -11.88
N LYS A 317 -9.54 30.38 -11.44
CA LYS A 317 -9.97 30.40 -10.05
C LYS A 317 -9.31 29.32 -9.20
N PHE A 318 -8.45 28.50 -9.81
CA PHE A 318 -7.94 27.29 -9.17
C PHE A 318 -7.38 27.52 -7.77
N CYS A 319 -6.63 28.60 -7.58
CA CYS A 319 -5.96 28.79 -6.31
C CYS A 319 -6.74 29.62 -5.29
N GLN A 320 -7.94 30.07 -5.66
CA GLN A 320 -8.86 30.72 -4.71
C GLN A 320 -9.14 29.78 -3.56
N GLU A 321 -9.61 28.57 -3.88
CA GLU A 321 -10.07 27.62 -2.88
C GLU A 321 -9.06 26.55 -2.42
N GLN A 322 -7.87 26.53 -3.01
CA GLN A 322 -6.94 25.41 -2.77
C GLN A 322 -5.98 25.54 -1.59
N LYS A 323 -6.23 26.51 -0.71
CA LYS A 323 -5.32 26.96 0.34
C LYS A 323 -4.59 25.83 1.11
N MET A 324 -5.15 24.64 1.09
CA MET A 324 -4.53 23.49 1.73
C MET A 324 -3.32 22.81 1.04
N LEU A 325 -3.03 23.21 -0.19
CA LEU A 325 -2.19 22.42 -1.10
C LEU A 325 -0.68 22.54 -0.93
N ARG A 326 -0.03 21.46 -0.52
CA ARG A 326 1.44 21.38 -0.43
C ARG A 326 2.18 21.06 -1.73
N THR A 327 1.68 20.07 -2.48
CA THR A 327 2.42 19.54 -3.63
C THR A 327 1.60 19.47 -4.89
N LEU A 328 2.08 20.15 -5.92
CA LEU A 328 1.36 20.24 -7.16
C LEU A 328 2.25 19.76 -8.30
N ASP A 329 1.78 18.76 -9.02
CA ASP A 329 2.51 18.32 -10.20
C ASP A 329 1.61 18.38 -11.44
N LEU A 330 1.86 19.34 -12.31
CA LEU A 330 1.29 19.38 -13.65
C LEU A 330 2.22 18.95 -14.78
N SER A 331 3.35 18.33 -14.44
CA SER A 331 4.34 18.01 -15.45
C SER A 331 3.77 17.25 -16.64
N TYR A 332 4.40 17.42 -17.80
CA TYR A 332 4.04 16.73 -19.03
C TYR A 332 2.62 16.95 -19.52
N ASN A 333 2.24 18.21 -19.72
CA ASN A 333 0.94 18.52 -20.29
C ASN A 333 1.11 19.40 -21.50
N GLU A 334 0.00 19.93 -22.01
CA GLU A 334 0.04 20.92 -23.07
C GLU A 334 -0.05 22.40 -22.61
N ILE A 335 0.10 22.64 -21.31
CA ILE A 335 -0.20 23.97 -20.72
C ILE A 335 0.59 25.10 -21.37
N SER A 336 -0.12 26.03 -22.00
CA SER A 336 0.50 27.09 -22.79
C SER A 336 0.66 28.39 -22.05
N ALA A 337 0.00 28.52 -20.90
CA ALA A 337 0.13 29.75 -20.11
C ALA A 337 -0.02 29.51 -18.61
N LEU A 338 0.05 30.58 -17.83
CA LEU A 338 0.07 30.43 -16.37
C LEU A 338 -1.05 31.25 -15.73
N VAL A 339 -0.99 31.38 -14.41
CA VAL A 339 -2.07 32.00 -13.65
C VAL A 339 -1.64 32.12 -12.21
N GLY A 340 -2.27 33.02 -11.46
CA GLY A 340 -1.80 33.35 -10.13
C GLY A 340 -1.71 32.10 -9.28
N PHE A 341 -0.55 31.88 -8.66
CA PHE A 341 -0.44 30.81 -7.69
C PHE A 341 -0.53 31.32 -6.26
N GLU A 342 -0.74 32.61 -6.08
CA GLU A 342 -0.97 33.14 -4.73
C GLU A 342 -2.30 32.60 -4.22
N GLY A 343 -2.36 32.32 -2.92
CA GLY A 343 -3.53 31.70 -2.36
C GLY A 343 -3.32 30.20 -2.18
N CYS A 344 -2.36 29.67 -2.92
CA CYS A 344 -1.92 28.29 -2.77
C CYS A 344 -0.80 28.17 -1.76
N SER A 345 -0.67 29.22 -0.96
CA SER A 345 0.49 29.54 -0.14
C SER A 345 1.06 28.35 0.60
N SER A 346 0.24 27.34 0.86
CA SER A 346 0.76 26.16 1.52
C SER A 346 1.73 25.37 0.63
N LEU A 347 1.83 25.77 -0.63
CA LEU A 347 2.70 25.12 -1.65
C LEU A 347 4.17 24.92 -1.32
N GLU A 348 4.69 23.74 -1.63
CA GLU A 348 6.11 23.43 -1.42
C GLU A 348 6.78 22.94 -2.72
N GLU A 349 6.32 21.81 -3.29
CA GLU A 349 6.88 21.31 -4.56
C GLU A 349 5.96 21.63 -5.75
N VAL A 350 6.46 22.40 -6.72
CA VAL A 350 5.68 22.72 -7.93
C VAL A 350 6.37 22.18 -9.16
N TYR A 351 5.71 21.27 -9.88
CA TYR A 351 6.33 20.71 -11.08
C TYR A 351 5.58 21.07 -12.34
N LEU A 352 6.14 21.99 -13.11
CA LEU A 352 5.60 22.39 -14.41
C LEU A 352 6.36 21.91 -15.66
N GLN A 353 7.34 21.02 -15.46
CA GLN A 353 8.23 20.66 -16.57
C GLN A 353 7.53 20.00 -17.75
N ASN A 354 8.15 20.07 -18.92
CA ASN A 354 7.54 19.58 -20.15
C ASN A 354 6.16 20.17 -20.53
N ASN A 355 6.00 21.49 -20.43
CA ASN A 355 4.78 22.17 -20.91
C ASN A 355 5.00 23.20 -22.03
N GLN A 356 3.97 23.96 -22.39
CA GLN A 356 4.15 25.03 -23.38
C GLN A 356 4.35 26.42 -22.78
N ILE A 357 4.53 26.51 -21.46
CA ILE A 357 4.69 27.82 -20.80
C ILE A 357 5.81 28.68 -21.37
N GLN A 358 5.46 29.89 -21.80
CA GLN A 358 6.42 30.88 -22.29
C GLN A 358 6.82 32.05 -21.34
N GLU A 359 6.23 32.11 -20.16
CA GLU A 359 6.37 33.30 -19.32
C GLU A 359 6.29 33.03 -17.84
N VAL A 360 6.94 33.86 -17.04
CA VAL A 360 6.69 33.89 -15.59
C VAL A 360 6.48 35.36 -15.24
N GLN A 361 5.62 35.66 -14.28
CA GLN A 361 5.26 37.05 -14.00
C GLN A 361 5.51 37.49 -12.56
N ASN A 362 5.58 38.81 -12.31
CA ASN A 362 5.89 39.34 -10.98
C ASN A 362 5.02 38.66 -9.94
N GLU A 363 3.74 38.55 -10.28
CA GLU A 363 2.70 38.10 -9.35
C GLU A 363 2.36 36.62 -9.46
N THR A 364 2.95 35.90 -10.41
CA THR A 364 2.64 34.48 -10.59
C THR A 364 2.94 33.67 -9.35
N PHE A 365 4.17 33.79 -8.88
CA PHE A 365 4.57 33.10 -7.68
C PHE A 365 4.47 33.96 -6.44
N GLN A 366 3.86 35.15 -6.61
CA GLN A 366 3.79 36.15 -5.55
C GLN A 366 3.23 35.55 -4.28
N GLY A 367 4.03 35.64 -3.22
CA GLY A 367 3.59 35.23 -1.89
C GLY A 367 3.69 33.76 -1.56
N LEU A 368 4.63 33.02 -2.16
CA LEU A 368 4.77 31.63 -1.75
C LEU A 368 5.92 31.49 -0.80
N ALA A 369 5.60 31.35 0.48
CA ALA A 369 6.59 31.30 1.52
C ALA A 369 7.20 29.90 1.56
N ALA A 370 6.39 28.90 1.20
CA ALA A 370 6.80 27.50 1.38
C ALA A 370 7.46 26.83 0.19
N LEU A 371 7.40 27.46 -0.99
CA LEU A 371 7.90 26.87 -2.24
C LEU A 371 9.36 26.45 -2.09
N ARG A 372 9.67 25.21 -2.42
CA ARG A 372 11.04 24.70 -2.37
C ARG A 372 11.53 24.24 -3.73
N MET A 373 10.91 23.18 -4.26
CA MET A 373 11.29 22.72 -5.60
C MET A 373 10.42 23.38 -6.65
N LEU A 374 11.05 23.91 -7.68
CA LEU A 374 10.27 24.50 -8.77
C LEU A 374 10.77 24.07 -10.14
N ASP A 375 9.91 23.40 -10.89
CA ASP A 375 10.35 22.78 -12.11
C ASP A 375 9.71 23.41 -13.33
N LEU A 376 10.48 24.24 -14.02
CA LEU A 376 10.07 24.84 -15.29
C LEU A 376 10.81 24.31 -16.53
N SER A 377 11.62 23.27 -16.33
CA SER A 377 12.47 22.76 -17.41
C SER A 377 11.66 22.29 -18.61
N ARG A 378 12.28 22.24 -19.79
CA ARG A 378 11.61 21.73 -20.99
C ARG A 378 10.32 22.47 -21.34
N ASN A 379 10.37 23.80 -21.36
CA ASN A 379 9.24 24.64 -21.76
C ASN A 379 9.62 25.63 -22.88
N ARG A 380 8.70 26.54 -23.22
CA ARG A 380 8.97 27.62 -24.19
C ARG A 380 9.38 28.99 -23.57
N ILE A 381 9.66 29.01 -22.26
CA ILE A 381 9.99 30.27 -21.56
C ILE A 381 11.12 31.13 -22.19
N HIS A 382 10.79 32.39 -22.45
CA HIS A 382 11.77 33.36 -22.95
C HIS A 382 12.10 34.44 -21.94
N THR A 383 11.08 35.18 -21.48
CA THR A 383 11.30 36.19 -20.43
C THR A 383 10.55 35.90 -19.14
N ILE A 384 11.03 36.48 -18.05
CA ILE A 384 10.40 36.31 -16.76
C ILE A 384 10.01 37.68 -16.16
N HIS A 385 8.70 37.95 -16.21
CA HIS A 385 8.14 39.30 -16.05
C HIS A 385 8.38 39.93 -14.65
N LYS A 386 8.97 41.13 -14.67
CA LYS A 386 9.29 41.92 -13.47
C LYS A 386 9.98 41.12 -12.38
N GLU A 387 10.64 40.03 -12.78
CA GLU A 387 11.55 39.25 -11.92
C GLU A 387 11.17 39.15 -10.44
N ALA A 388 10.08 38.47 -10.14
CA ALA A 388 9.89 38.04 -8.78
C ALA A 388 10.08 36.54 -8.70
N PHE A 389 11.24 36.16 -8.18
CA PHE A 389 11.37 35.03 -7.29
C PHE A 389 11.62 35.56 -5.87
N VAL A 390 11.71 36.89 -5.76
CA VAL A 390 12.15 37.55 -4.53
C VAL A 390 11.37 37.15 -3.30
N THR A 391 10.11 36.81 -3.52
CA THR A 391 9.15 36.56 -2.45
C THR A 391 9.23 35.15 -1.84
N LEU A 392 10.00 34.25 -2.46
CA LEU A 392 10.12 32.88 -1.93
C LEU A 392 11.44 32.65 -1.19
N LYS A 393 11.39 32.66 0.15
CA LYS A 393 12.61 32.57 0.95
C LYS A 393 13.05 31.12 1.03
N ALA A 394 12.10 30.24 0.73
CA ALA A 394 12.31 28.81 0.91
C ALA A 394 12.92 28.15 -0.31
N LEU A 395 12.85 28.82 -1.47
CA LEU A 395 13.27 28.23 -2.77
C LEU A 395 14.69 27.69 -2.72
N THR A 396 14.86 26.46 -3.17
CA THR A 396 16.15 25.79 -3.06
C THR A 396 16.55 25.15 -4.41
N ASN A 397 15.71 24.22 -4.88
CA ASN A 397 15.90 23.66 -6.21
C ASN A 397 15.12 24.43 -7.27
N LEU A 398 15.83 24.90 -8.29
CA LEU A 398 15.17 25.61 -9.38
C LEU A 398 15.64 25.16 -10.74
N ASP A 399 14.72 24.63 -11.55
CA ASP A 399 15.13 24.12 -12.83
C ASP A 399 14.53 24.91 -14.00
N LEU A 400 15.35 25.73 -14.63
CA LEU A 400 14.96 26.44 -15.84
C LEU A 400 15.50 25.84 -17.13
N SER A 401 16.14 24.68 -17.03
CA SER A 401 16.82 24.11 -18.19
C SER A 401 15.93 23.91 -19.42
N PHE A 402 16.50 24.12 -20.60
CA PHE A 402 15.82 23.95 -21.89
C PHE A 402 14.59 24.83 -22.18
N ASN A 403 14.85 26.13 -22.34
CA ASN A 403 13.83 27.14 -22.68
C ASN A 403 14.35 28.12 -23.73
N ASP A 404 13.60 29.20 -23.97
CA ASP A 404 14.01 30.22 -24.92
C ASP A 404 14.76 31.40 -24.29
N LEU A 405 15.12 31.26 -23.02
CA LEU A 405 15.77 32.33 -22.25
C LEU A 405 17.17 32.76 -22.76
N THR A 406 17.31 34.06 -23.05
CA THR A 406 18.62 34.66 -23.22
C THR A 406 19.17 35.28 -21.93
N ALA A 407 18.30 35.48 -20.95
CA ALA A 407 18.72 36.05 -19.70
C ALA A 407 17.85 35.54 -18.56
N PHE A 408 18.50 35.28 -17.43
CA PHE A 408 17.86 34.63 -16.32
C PHE A 408 17.84 35.57 -15.11
N PRO A 409 16.66 36.07 -14.73
CA PRO A 409 16.61 37.09 -13.67
C PRO A 409 17.06 36.59 -12.31
N THR A 410 17.93 37.35 -11.67
CA THR A 410 18.39 37.02 -10.33
C THR A 410 17.89 38.03 -9.31
N ALA A 411 16.96 37.62 -8.47
CA ALA A 411 16.65 38.32 -7.24
C ALA A 411 15.93 37.35 -6.30
N GLY A 412 16.29 37.36 -5.03
CA GLY A 412 15.67 36.42 -4.10
C GLY A 412 16.08 34.98 -4.35
N LEU A 413 17.24 34.80 -4.97
CA LEU A 413 17.81 33.48 -5.22
C LEU A 413 18.81 33.05 -4.15
N HIS A 414 18.88 33.82 -3.07
CA HIS A 414 19.66 33.47 -1.89
C HIS A 414 19.33 32.05 -1.44
N GLY A 415 20.36 31.30 -1.07
CA GLY A 415 20.17 29.93 -0.61
C GLY A 415 19.61 28.92 -1.61
N LEU A 416 19.88 29.10 -2.90
CA LEU A 416 19.59 28.02 -3.85
C LEU A 416 20.73 27.00 -3.78
N ASN A 417 20.40 25.74 -3.49
CA ASN A 417 21.38 24.67 -3.56
C ASN A 417 21.59 24.19 -4.98
N GLN A 418 20.49 24.03 -5.72
CA GLN A 418 20.58 23.62 -7.12
C GLN A 418 19.88 24.59 -8.07
N LEU A 419 20.56 24.88 -9.17
CA LEU A 419 20.01 25.74 -10.21
C LEU A 419 20.39 25.17 -11.58
N LYS A 420 19.39 24.95 -12.43
CA LYS A 420 19.66 24.35 -13.73
C LYS A 420 19.45 25.33 -14.86
N LEU A 421 20.55 25.73 -15.51
CA LEU A 421 20.50 26.71 -16.59
C LEU A 421 20.58 26.20 -18.01
N THR A 422 20.81 24.90 -18.17
CA THR A 422 21.22 24.37 -19.48
C THR A 422 20.19 24.48 -20.60
N GLY A 423 20.68 24.51 -21.85
CA GLY A 423 19.80 24.57 -23.01
C GLY A 423 19.13 25.91 -23.21
N ASN A 424 19.78 26.98 -22.77
CA ASN A 424 19.24 28.30 -23.04
C ASN A 424 20.24 29.24 -23.66
N PRO A 425 19.76 30.05 -24.63
CA PRO A 425 18.50 29.72 -25.31
C PRO A 425 18.74 28.69 -26.39
N ASN A 426 17.73 27.88 -26.71
CA ASN A 426 17.86 26.93 -27.81
C ASN A 426 16.63 26.90 -28.72
N PHE A 427 16.77 27.24 -30.01
CA PHE A 427 18.01 27.67 -30.71
C PHE A 427 19.23 26.73 -30.70
N LYS A 428 19.16 25.50 -31.20
CA LYS A 428 17.96 24.82 -31.78
C LYS A 428 17.13 25.55 -32.85
N GLU A 429 15.86 25.81 -32.53
CA GLU A 429 14.92 26.50 -33.41
C GLU A 429 14.67 25.77 -34.74
N SER B 5 29.55 -10.15 -7.80
CA SER B 5 30.85 -10.49 -7.25
C SER B 5 31.18 -11.98 -7.39
N GLN B 6 32.16 -12.44 -6.61
CA GLN B 6 32.59 -13.85 -6.67
C GLN B 6 32.49 -14.56 -5.32
N ALA B 7 31.77 -15.68 -5.32
CA ALA B 7 31.56 -16.50 -4.12
C ALA B 7 30.94 -15.73 -2.96
N CYS B 8 29.84 -15.03 -3.23
CA CYS B 8 29.00 -14.52 -2.16
C CYS B 8 27.77 -15.46 -2.09
N ALA B 9 27.78 -16.33 -1.09
CA ALA B 9 26.80 -17.41 -0.98
C ALA B 9 25.45 -17.14 -0.29
N LYS B 10 25.44 -16.19 0.64
CA LYS B 10 24.52 -16.31 1.78
C LYS B 10 23.14 -15.70 1.53
N GLY B 11 22.16 -16.57 1.32
CA GLY B 11 20.75 -16.23 1.39
C GLY B 11 20.15 -15.38 0.28
N CYS B 12 21.00 -14.79 -0.56
CA CYS B 12 20.54 -13.80 -1.53
C CYS B 12 21.17 -14.02 -2.89
N GLU B 13 20.40 -13.74 -3.94
CA GLU B 13 20.75 -14.20 -5.28
C GLU B 13 21.95 -13.48 -5.86
N LEU B 14 21.97 -12.16 -5.71
CA LEU B 14 23.14 -11.38 -6.10
C LEU B 14 23.58 -10.46 -4.97
N CYS B 15 24.74 -10.76 -4.38
CA CYS B 15 25.24 -9.99 -3.23
C CYS B 15 26.60 -9.34 -3.47
N SER B 16 26.65 -8.02 -3.31
CA SER B 16 27.90 -7.29 -3.46
C SER B 16 28.15 -6.41 -2.25
N GLU B 17 29.35 -6.52 -1.66
CA GLU B 17 29.71 -5.68 -0.52
C GLU B 17 29.67 -4.20 -0.92
N VAL B 18 29.58 -3.96 -2.22
CA VAL B 18 29.30 -2.62 -2.69
C VAL B 18 27.80 -2.47 -2.41
N ASN B 19 27.49 -1.58 -1.46
CA ASN B 19 26.10 -1.36 -1.01
C ASN B 19 25.23 -2.56 -0.61
N GLY B 20 25.79 -3.59 0.02
CA GLY B 20 24.99 -4.70 0.53
C GLY B 20 24.27 -5.59 -0.47
N CYS B 21 23.35 -6.41 0.02
CA CYS B 21 22.66 -7.40 -0.81
C CYS B 21 21.58 -6.80 -1.73
N LEU B 22 21.48 -7.35 -2.94
CA LEU B 22 20.44 -6.96 -3.90
C LEU B 22 19.76 -8.21 -4.44
N LYS B 23 18.60 -8.04 -5.09
CA LYS B 23 17.86 -9.14 -5.75
C LYS B 23 17.84 -10.44 -4.96
N CYS B 24 17.04 -10.50 -3.90
CA CYS B 24 16.98 -11.69 -3.05
C CYS B 24 16.38 -12.93 -3.73
N SER B 25 16.78 -14.11 -3.24
CA SER B 25 16.24 -15.37 -3.71
C SER B 25 14.76 -15.37 -3.38
N PRO B 26 13.90 -15.79 -4.34
CA PRO B 26 12.47 -15.73 -4.02
C PRO B 26 12.13 -16.80 -2.98
N LYS B 27 11.16 -16.53 -2.09
CA LYS B 27 10.51 -15.23 -2.05
C LYS B 27 10.80 -14.56 -0.72
N LEU B 28 11.71 -13.60 -0.75
CA LEU B 28 12.16 -12.95 0.47
C LEU B 28 12.19 -11.46 0.23
N PHE B 29 12.31 -10.68 1.29
CA PHE B 29 12.23 -9.25 1.17
C PHE B 29 13.58 -8.63 1.48
N ILE B 30 13.78 -7.40 1.00
CA ILE B 30 15.00 -6.66 1.26
C ILE B 30 14.82 -5.65 2.39
N LEU B 31 15.90 -5.37 3.11
CA LEU B 31 15.91 -4.41 4.19
C LEU B 31 16.89 -3.31 3.81
N LEU B 32 16.85 -2.18 4.51
CA LEU B 32 17.75 -1.04 4.24
C LEU B 32 18.20 -0.31 5.52
N GLU B 33 19.23 0.53 5.38
CA GLU B 33 19.72 1.41 6.45
C GLU B 33 20.05 0.70 7.77
N GLN B 39 22.60 -1.06 6.44
CA GLN B 39 23.89 -0.55 6.01
C GLN B 39 24.63 -1.57 5.14
N VAL B 40 24.31 -1.63 3.84
CA VAL B 40 23.09 -1.06 3.31
C VAL B 40 22.39 -2.17 2.50
N GLY B 41 21.27 -2.65 3.03
CA GLY B 41 20.50 -3.75 2.45
C GLY B 41 20.77 -5.15 2.99
N VAL B 42 19.70 -5.89 3.21
CA VAL B 42 19.71 -7.23 3.84
C VAL B 42 18.53 -8.02 3.27
N CYS B 43 18.64 -9.35 3.25
CA CYS B 43 17.59 -10.17 2.67
C CYS B 43 17.06 -11.16 3.72
N LEU B 44 15.74 -11.16 3.95
CA LEU B 44 15.13 -12.09 4.92
C LEU B 44 13.63 -12.28 4.67
N PRO B 45 13.00 -13.28 5.32
CA PRO B 45 11.52 -13.37 5.30
C PRO B 45 10.88 -12.51 6.37
N SER B 46 9.66 -12.04 6.14
CA SER B 46 8.90 -11.36 7.21
C SER B 46 9.62 -10.18 7.89
N CYS B 47 9.69 -9.05 7.21
CA CYS B 47 10.39 -7.87 7.71
C CYS B 47 10.02 -7.52 9.15
N PRO B 48 11.03 -7.17 9.97
CA PRO B 48 10.88 -7.03 11.42
C PRO B 48 10.01 -5.84 11.78
N PRO B 49 9.71 -5.67 13.08
CA PRO B 49 8.99 -4.45 13.47
C PRO B 49 9.92 -3.28 13.23
N GLY B 50 9.39 -2.13 12.86
CA GLY B 50 7.97 -1.90 12.65
C GLY B 50 7.62 -1.94 11.18
N TYR B 51 8.42 -2.67 10.40
CA TYR B 51 8.14 -2.84 8.97
C TYR B 51 6.91 -3.68 8.66
N PHE B 52 6.39 -3.50 7.46
CA PHE B 52 5.35 -4.42 6.98
C PHE B 52 5.78 -5.18 5.71
N ASP B 53 5.42 -6.45 5.62
CA ASP B 53 5.86 -7.26 4.49
C ASP B 53 4.99 -6.91 3.30
N ALA B 54 5.61 -6.53 2.19
CA ALA B 54 4.85 -6.22 0.99
C ALA B 54 5.42 -7.04 -0.14
N ARG B 55 4.64 -7.28 -1.18
CA ARG B 55 5.12 -8.12 -2.27
C ARG B 55 4.70 -7.55 -3.61
N ASN B 56 5.60 -7.63 -4.59
CA ASN B 56 5.25 -7.32 -5.97
C ASN B 56 5.82 -8.44 -6.83
N PRO B 57 5.49 -8.44 -8.14
CA PRO B 57 6.13 -9.40 -9.05
C PRO B 57 7.66 -9.17 -9.19
N ASP B 58 8.02 -7.91 -9.42
CA ASP B 58 9.41 -7.53 -9.58
C ASP B 58 10.10 -7.43 -8.23
N MET B 59 9.65 -6.47 -7.44
CA MET B 59 10.32 -6.09 -6.19
C MET B 59 9.57 -6.51 -4.91
N ASN B 60 10.30 -7.17 -4.00
CA ASN B 60 9.77 -7.63 -2.70
C ASN B 60 9.91 -6.64 -1.55
N LYS B 61 10.15 -5.38 -1.92
CA LYS B 61 10.43 -4.29 -0.98
C LYS B 61 9.46 -4.30 0.19
N CYS B 62 9.99 -4.31 1.41
CA CYS B 62 9.12 -4.32 2.60
C CYS B 62 9.21 -2.99 3.33
N ILE B 63 8.07 -2.38 3.65
CA ILE B 63 8.11 -0.98 4.06
C ILE B 63 7.69 -0.68 5.50
N LYS B 64 7.84 0.58 5.88
CA LYS B 64 7.46 1.07 7.18
C LYS B 64 6.05 1.66 7.07
N CYS B 65 5.26 1.45 8.12
CA CYS B 65 3.90 1.95 8.15
C CYS B 65 3.85 3.41 8.56
N LYS B 66 2.79 4.10 8.15
CA LYS B 66 2.54 5.49 8.56
C LYS B 66 1.63 5.53 9.78
N ILE B 67 1.36 4.35 10.33
CA ILE B 67 0.58 4.26 11.55
C ILE B 67 1.50 4.41 12.76
N GLU B 68 1.15 5.35 13.65
CA GLU B 68 1.97 5.70 14.83
C GLU B 68 2.19 4.55 15.83
N HIS B 69 3.44 4.34 16.23
CA HIS B 69 3.81 3.36 17.26
C HIS B 69 3.27 1.95 17.04
N CYS B 70 3.49 1.37 15.86
CA CYS B 70 2.97 0.04 15.49
C CYS B 70 4.06 -1.04 15.40
N GLU B 71 3.88 -2.19 16.06
CA GLU B 71 4.85 -3.28 15.94
C GLU B 71 4.77 -3.99 14.57
N ALA B 72 3.58 -4.46 14.20
CA ALA B 72 3.41 -5.21 12.96
C ALA B 72 2.29 -4.67 12.09
N CYS B 73 2.62 -4.21 10.89
CA CYS B 73 1.62 -3.64 9.98
C CYS B 73 1.19 -4.67 8.95
N PHE B 74 -0.07 -4.60 8.54
CA PHE B 74 -0.53 -5.31 7.35
C PHE B 74 -0.42 -4.49 6.06
N SER B 75 -0.39 -3.17 6.23
CA SER B 75 -0.41 -2.26 5.09
C SER B 75 0.09 -0.87 5.51
N HIS B 76 -0.05 0.10 4.62
CA HIS B 76 0.30 1.48 4.90
C HIS B 76 -0.38 1.93 6.18
N ASN B 77 -1.71 1.99 6.07
CA ASN B 77 -2.61 2.46 7.12
C ASN B 77 -3.38 1.43 7.96
N PHE B 78 -3.06 0.15 7.83
CA PHE B 78 -3.63 -0.82 8.75
C PHE B 78 -2.56 -1.47 9.63
N CYS B 79 -2.76 -1.43 10.96
CA CYS B 79 -1.84 -2.05 11.92
C CYS B 79 -2.46 -3.28 12.61
N THR B 80 -1.76 -4.41 12.54
CA THR B 80 -2.17 -5.67 13.16
C THR B 80 -1.84 -5.82 14.64
N LYS B 81 -0.66 -5.36 15.04
CA LYS B 81 -0.25 -5.44 16.43
C LYS B 81 0.23 -4.09 16.92
N CYS B 82 -0.47 -3.54 17.91
CA CYS B 82 -0.13 -2.23 18.40
C CYS B 82 1.09 -2.33 19.31
N LYS B 83 1.65 -1.18 19.69
CA LYS B 83 2.81 -1.16 20.60
C LYS B 83 2.34 -1.32 22.05
N GLU B 84 3.24 -1.78 22.91
CA GLU B 84 2.91 -2.20 24.27
C GLU B 84 2.00 -1.25 25.05
N GLY B 85 2.19 0.05 24.90
CA GLY B 85 1.33 0.99 25.60
C GLY B 85 -0.14 1.01 25.19
N LEU B 86 -0.43 0.86 23.89
CA LEU B 86 -1.71 1.33 23.39
C LEU B 86 -2.74 0.30 22.94
N TYR B 87 -3.90 0.84 22.59
CA TYR B 87 -5.08 0.08 22.24
C TYR B 87 -5.25 0.13 20.73
N LEU B 88 -5.73 -0.98 20.16
CA LEU B 88 -5.92 -1.08 18.72
C LEU B 88 -7.39 -1.04 18.33
N HIS B 89 -7.81 0.05 17.67
CA HIS B 89 -9.15 0.10 17.08
C HIS B 89 -9.14 0.14 15.55
N LYS B 90 -9.57 -0.97 14.95
CA LYS B 90 -9.40 -1.22 13.52
C LYS B 90 -7.93 -1.31 13.09
N GLY B 91 -7.51 -0.44 12.21
CA GLY B 91 -6.14 -0.48 11.79
C GLY B 91 -5.28 0.50 12.55
N ARG B 92 -5.90 1.40 13.31
CA ARG B 92 -5.19 2.53 13.88
C ARG B 92 -5.00 2.40 15.42
N CYS B 93 -3.89 2.92 15.93
CA CYS B 93 -3.55 2.75 17.35
C CYS B 93 -3.77 3.99 18.23
N TYR B 94 -4.63 3.89 19.24
CA TYR B 94 -4.90 5.00 20.14
C TYR B 94 -4.53 4.69 21.59
N PRO B 95 -4.15 5.72 22.36
CA PRO B 95 -3.88 5.56 23.79
C PRO B 95 -5.15 5.32 24.59
N ALA B 96 -6.26 5.92 24.15
CA ALA B 96 -7.54 5.76 24.84
C ALA B 96 -8.53 5.23 23.84
N CYS B 97 -9.13 4.08 24.14
CA CYS B 97 -10.07 3.44 23.24
C CYS B 97 -11.28 4.36 23.00
N PRO B 98 -11.46 4.84 21.74
CA PRO B 98 -12.42 5.90 21.44
C PRO B 98 -13.86 5.42 21.49
N GLU B 99 -14.78 6.24 22.00
CA GLU B 99 -16.18 5.84 22.00
C GLU B 99 -17.14 6.76 21.23
N GLY B 100 -17.59 6.30 20.05
CA GLY B 100 -17.11 5.07 19.44
C GLY B 100 -17.48 3.74 20.10
N SER B 101 -16.48 2.95 20.46
CA SER B 101 -16.70 1.65 21.09
C SER B 101 -15.87 1.45 22.36
N SER B 102 -16.37 0.62 23.26
CA SER B 102 -15.72 0.37 24.54
C SER B 102 -14.45 -0.44 24.37
N ALA B 103 -13.56 -0.34 25.35
CA ALA B 103 -12.35 -1.16 25.39
C ALA B 103 -12.68 -2.56 25.90
N ALA B 104 -11.82 -3.52 25.55
CA ALA B 104 -11.84 -4.83 26.21
C ALA B 104 -10.78 -4.86 27.32
N ASN B 105 -10.53 -6.05 27.87
CA ASN B 105 -9.48 -6.23 28.88
C ASN B 105 -8.84 -7.62 28.90
N GLY B 106 -7.68 -7.71 29.55
CA GLY B 106 -6.85 -8.91 29.55
C GLY B 106 -5.83 -8.85 28.44
N THR B 107 -6.17 -8.09 27.40
CA THR B 107 -5.28 -7.81 26.27
C THR B 107 -5.74 -6.48 25.69
N MET B 108 -4.86 -5.78 24.95
CA MET B 108 -5.24 -4.46 24.48
C MET B 108 -5.84 -4.56 23.09
N GLU B 109 -7.17 -4.41 23.04
CA GLU B 109 -7.94 -4.46 21.78
C GLU B 109 -9.16 -3.54 21.94
N CYS B 110 -9.76 -3.15 20.82
CA CYS B 110 -10.97 -2.34 20.87
C CYS B 110 -12.16 -3.08 20.24
N SER B 111 -13.16 -3.38 21.07
CA SER B 111 -14.30 -4.18 20.65
C SER B 111 -15.57 -3.34 20.56
N SER B 112 -16.34 -3.51 19.48
CA SER B 112 -17.61 -2.78 19.32
C SER B 112 -18.84 -3.68 19.48
#